data_6G2R
#
_entry.id   6G2R
#
_cell.length_a   54.115
_cell.length_b   60.800
_cell.length_c   105.938
_cell.angle_alpha   90.00
_cell.angle_beta   90.00
_cell.angle_gamma   90.00
#
_symmetry.space_group_name_H-M   'P 21 21 21'
#
loop_
_entity.id
_entity.type
_entity.pdbx_description
1 polymer 'Type 1 fimbrin D-mannose specific adhesin'
2 non-polymer 4-[3-chloranyl-4-[(2~{R},3~{S},4~{S},5~{S},6~{R})-6-(hydroxymethyl)-3,4,5-tris(oxidanyl)oxan-2-yl]oxy-phenyl]-2,3,5,6-tetrakis(fluoranyl)benzenecarbonitrile
3 non-polymer 'SULFATE ION'
4 non-polymer '4-(2-HYDROXYETHYL)-1-PIPERAZINE ETHANESULFONIC ACID'
5 water water
#
_entity_poly.entity_id   1
_entity_poly.type   'polypeptide(L)'
_entity_poly.pdbx_seq_one_letter_code
;FACKTANGTAIPIGGGSANVYVNLAPVVNVGQNLVVDLSTQIFCHNDYPETITDYVTLQRGSAYGGVLSNFSGTVKYSGS
SYPFPTTSETPRVVYNSRTDKPWPVALYLTPVSSAGGVAIKAGSLIAVLILRQTNNYNSDDFQFVWNIYANNDVVVPT
;
_entity_poly.pdbx_strand_id   A,B
#
loop_
_chem_comp.id
_chem_comp.type
_chem_comp.name
_chem_comp.formula
EJK non-polymer 4-[3-chloranyl-4-[(2~{R},3~{S},4~{S},5~{S},6~{R})-6-(hydroxymethyl)-3,4,5-tris(oxidanyl)oxan-2-yl]oxy-phenyl]-2,3,5,6-tetrakis(fluoranyl)benzenecarbonitrile 'C19 H14 Cl F4 N O6'
EPE non-polymer '4-(2-HYDROXYETHYL)-1-PIPERAZINE ETHANESULFONIC ACID' 'C8 H18 N2 O4 S'
SO4 non-polymer 'SULFATE ION' 'O4 S -2'
#
# COMPACT_ATOMS: atom_id res chain seq x y z
N PHE A 1 -5.72 -7.01 2.27
CA PHE A 1 -5.77 -8.42 1.78
C PHE A 1 -6.40 -8.47 0.40
N ALA A 2 -5.73 -9.16 -0.52
CA ALA A 2 -6.22 -9.33 -1.88
C ALA A 2 -5.66 -10.63 -2.43
N CYS A 3 -6.26 -11.11 -3.51
CA CYS A 3 -5.89 -12.39 -4.09
C CYS A 3 -5.81 -12.25 -5.61
N LYS A 4 -5.11 -13.19 -6.23
CA LYS A 4 -5.03 -13.24 -7.67
C LYS A 4 -4.91 -14.69 -8.10
N THR A 5 -5.18 -14.94 -9.38
CA THR A 5 -5.01 -16.28 -9.93
C THR A 5 -3.64 -16.40 -10.58
N ALA A 6 -3.29 -17.64 -10.94
CA ALA A 6 -1.99 -17.89 -11.54
C ALA A 6 -1.74 -17.00 -12.76
N ASN A 7 -2.77 -16.76 -13.55
CA ASN A 7 -2.65 -15.94 -14.76
C ASN A 7 -2.84 -14.46 -14.50
N GLY A 8 -2.99 -14.04 -13.24
CA GLY A 8 -3.00 -12.65 -12.90
C GLY A 8 -4.37 -12.03 -12.69
N THR A 9 -5.45 -12.79 -12.87
CA THR A 9 -6.76 -12.26 -12.55
C THR A 9 -6.86 -11.99 -11.06
N ALA A 10 -7.28 -10.79 -10.70
CA ALA A 10 -7.21 -10.33 -9.32
C ALA A 10 -8.60 -10.11 -8.74
N ILE A 11 -8.70 -10.30 -7.42
CA ILE A 11 -9.83 -9.85 -6.63
C ILE A 11 -9.28 -8.85 -5.63
N PRO A 12 -9.72 -7.59 -5.63
CA PRO A 12 -9.08 -6.57 -4.81
C PRO A 12 -9.52 -6.64 -3.35
N ILE A 13 -8.93 -5.75 -2.56
CA ILE A 13 -9.36 -5.48 -1.19
C ILE A 13 -10.88 -5.36 -1.17
N GLY A 14 -11.52 -6.05 -0.23
CA GLY A 14 -12.97 -6.04 -0.11
C GLY A 14 -13.65 -7.25 -0.74
N GLY A 15 -12.93 -8.06 -1.49
CA GLY A 15 -13.51 -9.26 -2.05
C GLY A 15 -14.13 -9.02 -3.42
N GLY A 16 -14.90 -10.03 -3.85
CA GLY A 16 -15.46 -10.07 -5.17
C GLY A 16 -15.42 -11.47 -5.72
N SER A 17 -15.38 -11.63 -7.04
CA SER A 17 -15.36 -12.95 -7.64
C SER A 17 -14.44 -12.96 -8.84
N ALA A 18 -13.96 -14.16 -9.17
CA ALA A 18 -13.09 -14.38 -10.31
C ALA A 18 -13.27 -15.81 -10.79
N ASN A 19 -12.99 -16.03 -12.07
CA ASN A 19 -13.07 -17.36 -12.66
C ASN A 19 -11.69 -17.99 -12.69
N VAL A 20 -11.62 -19.27 -12.36
CA VAL A 20 -10.38 -20.04 -12.39
C VAL A 20 -10.57 -21.18 -13.36
N TYR A 21 -9.70 -21.25 -14.35
CA TYR A 21 -9.72 -22.31 -15.36
C TYR A 21 -8.57 -23.26 -15.06
N VAL A 22 -8.91 -24.47 -14.63
CA VAL A 22 -7.95 -25.44 -14.11
C VAL A 22 -7.86 -26.60 -15.08
N ASN A 23 -6.63 -27.05 -15.31
CA ASN A 23 -6.41 -28.29 -16.03
C ASN A 23 -6.78 -29.48 -15.14
N LEU A 24 -7.53 -30.41 -15.70
CA LEU A 24 -7.92 -31.62 -15.00
C LEU A 24 -7.28 -32.83 -15.68
N ALA A 25 -6.96 -33.84 -14.89
CA ALA A 25 -6.49 -35.08 -15.47
C ALA A 25 -7.55 -35.58 -16.45
N PRO A 26 -7.19 -35.87 -17.70
CA PRO A 26 -8.23 -36.22 -18.68
C PRO A 26 -8.91 -37.54 -18.38
N VAL A 27 -8.32 -38.39 -17.55
CA VAL A 27 -8.84 -39.70 -17.25
C VAL A 27 -8.82 -39.90 -15.74
N VAL A 28 -9.93 -40.41 -15.21
CA VAL A 28 -10.04 -40.76 -13.80
C VAL A 28 -10.68 -42.15 -13.77
N ASN A 29 -9.92 -43.15 -13.37
CA ASN A 29 -10.46 -44.50 -13.31
C ASN A 29 -11.37 -44.66 -12.10
N VAL A 30 -12.25 -45.66 -12.19
CA VAL A 30 -13.11 -45.99 -11.06
C VAL A 30 -12.24 -46.27 -9.85
N GLY A 31 -12.63 -45.71 -8.71
CA GLY A 31 -11.88 -45.88 -7.48
C GLY A 31 -10.66 -44.99 -7.33
N GLN A 32 -10.37 -44.15 -8.32
CA GLN A 32 -9.29 -43.17 -8.22
C GLN A 32 -9.86 -41.79 -7.93
N ASN A 33 -8.98 -40.89 -7.51
CA ASN A 33 -9.33 -39.52 -7.17
C ASN A 33 -8.98 -38.57 -8.30
N LEU A 34 -9.93 -37.70 -8.66
CA LEU A 34 -9.64 -36.56 -9.51
C LEU A 34 -9.23 -35.42 -8.58
N VAL A 35 -7.99 -34.98 -8.70
CA VAL A 35 -7.46 -33.94 -7.82
C VAL A 35 -7.55 -32.62 -8.54
N VAL A 36 -8.19 -31.65 -7.91
CA VAL A 36 -8.21 -30.27 -8.38
C VAL A 36 -7.46 -29.47 -7.33
N ASP A 37 -6.19 -29.17 -7.61
CA ASP A 37 -5.31 -28.52 -6.64
C ASP A 37 -5.28 -27.02 -6.95
N LEU A 38 -6.00 -26.25 -6.15
CA LEU A 38 -6.07 -24.81 -6.35
C LEU A 38 -4.89 -24.05 -5.76
N SER A 39 -4.04 -24.71 -4.96
CA SER A 39 -2.90 -24.02 -4.38
C SER A 39 -1.90 -23.55 -5.43
N THR A 40 -1.92 -24.14 -6.62
CA THR A 40 -1.12 -23.64 -7.74
C THR A 40 -1.84 -22.55 -8.54
N GLN A 41 -3.09 -22.26 -8.22
CA GLN A 41 -3.92 -21.38 -9.05
C GLN A 41 -4.39 -20.12 -8.35
N ILE A 42 -4.46 -20.11 -7.01
CA ILE A 42 -5.05 -19.02 -6.27
C ILE A 42 -4.04 -18.59 -5.20
N PHE A 43 -3.72 -17.30 -5.16
CA PHE A 43 -2.70 -16.78 -4.27
C PHE A 43 -3.21 -15.50 -3.60
N CYS A 44 -2.83 -15.32 -2.33
CA CYS A 44 -3.30 -14.17 -1.56
C CYS A 44 -2.13 -13.60 -0.75
N HIS A 45 -2.31 -12.37 -0.29
CA HIS A 45 -1.28 -11.69 0.48
C HIS A 45 -1.92 -10.74 1.48
N ASN A 46 -1.15 -10.39 2.50
CA ASN A 46 -1.53 -9.44 3.53
C ASN A 46 -0.98 -8.06 3.16
N ASP A 47 -1.83 -7.04 3.20
CA ASP A 47 -1.42 -5.70 2.78
C ASP A 47 -0.83 -4.86 3.90
N TYR A 48 -0.84 -5.33 5.14
CA TYR A 48 -0.22 -4.58 6.22
C TYR A 48 0.15 -5.54 7.35
N PRO A 49 1.07 -6.47 7.09
CA PRO A 49 1.41 -7.49 8.11
C PRO A 49 2.09 -6.93 9.34
N GLU A 50 2.62 -5.70 9.28
CA GLU A 50 3.24 -5.11 10.48
C GLU A 50 2.28 -5.12 11.67
N THR A 51 1.00 -4.86 11.41
CA THR A 51 0.00 -4.71 12.45
C THR A 51 -1.16 -5.69 12.36
N ILE A 52 -1.48 -6.21 11.18
CA ILE A 52 -2.70 -6.97 10.97
C ILE A 52 -2.33 -8.40 10.62
N THR A 53 -3.01 -9.34 11.27
CA THR A 53 -2.98 -10.74 10.88
C THR A 53 -4.28 -11.04 10.15
N ASP A 54 -4.16 -11.59 8.95
CA ASP A 54 -5.33 -11.94 8.14
C ASP A 54 -5.69 -13.39 8.36
N TYR A 55 -6.98 -13.64 8.53
CA TYR A 55 -7.53 -14.98 8.71
C TYR A 55 -8.37 -15.33 7.49
N VAL A 56 -8.19 -16.56 6.99
CA VAL A 56 -8.80 -16.99 5.75
C VAL A 56 -9.35 -18.40 5.93
N THR A 57 -10.63 -18.58 5.63
CA THR A 57 -11.26 -19.89 5.66
C THR A 57 -11.84 -20.22 4.31
N LEU A 58 -12.13 -21.50 4.11
CA LEU A 58 -13.07 -21.91 3.08
C LEU A 58 -14.47 -21.84 3.71
N GLN A 59 -15.23 -20.81 3.33
CA GLN A 59 -16.54 -20.59 3.91
C GLN A 59 -17.58 -21.55 3.31
N ARG A 60 -17.44 -21.86 2.03
CA ARG A 60 -18.40 -22.68 1.31
C ARG A 60 -17.71 -23.29 0.11
N GLY A 61 -17.95 -24.57 -0.12
CA GLY A 61 -17.53 -25.20 -1.34
C GLY A 61 -18.72 -25.92 -1.94
N SER A 62 -19.08 -25.58 -3.18
CA SER A 62 -20.23 -26.15 -3.84
C SER A 62 -19.80 -26.81 -5.15
N ALA A 63 -20.49 -27.89 -5.49
CA ALA A 63 -20.24 -28.64 -6.71
C ALA A 63 -21.29 -28.29 -7.76
N TYR A 64 -20.90 -28.38 -9.03
CA TYR A 64 -21.82 -28.12 -10.13
C TYR A 64 -21.51 -29.06 -11.28
N GLY A 65 -22.44 -29.12 -12.23
CA GLY A 65 -22.26 -29.90 -13.44
C GLY A 65 -21.96 -31.35 -13.15
N GLY A 66 -20.97 -31.88 -13.89
CA GLY A 66 -20.64 -33.29 -13.76
C GLY A 66 -20.16 -33.68 -12.37
N VAL A 67 -19.51 -32.75 -11.67
CA VAL A 67 -19.00 -33.06 -10.33
C VAL A 67 -20.16 -33.23 -9.36
N LEU A 68 -21.16 -32.36 -9.44
CA LEU A 68 -22.33 -32.48 -8.57
C LEU A 68 -23.05 -33.80 -8.79
N SER A 69 -23.22 -34.21 -10.05
CA SER A 69 -24.10 -35.34 -10.31
C SER A 69 -23.41 -36.69 -10.11
N ASN A 70 -22.17 -36.83 -10.57
CA ASN A 70 -21.55 -38.15 -10.65
C ASN A 70 -20.26 -38.31 -9.85
N PHE A 71 -19.88 -37.35 -9.01
CA PHE A 71 -18.66 -37.47 -8.23
C PHE A 71 -18.95 -37.31 -6.75
N SER A 72 -18.16 -38.02 -5.94
CA SER A 72 -18.13 -37.86 -4.50
C SER A 72 -16.79 -37.23 -4.12
N GLY A 73 -16.81 -36.28 -3.19
CA GLY A 73 -15.67 -35.42 -3.01
C GLY A 73 -15.34 -35.17 -1.56
N THR A 74 -14.08 -34.83 -1.36
CA THR A 74 -13.59 -34.19 -0.14
C THR A 74 -12.74 -33.01 -0.58
N VAL A 75 -12.61 -32.03 0.31
CA VAL A 75 -11.71 -30.91 0.09
C VAL A 75 -10.63 -30.97 1.16
N LYS A 76 -9.38 -30.84 0.75
CA LYS A 76 -8.27 -30.75 1.68
C LYS A 76 -7.93 -29.29 1.86
N TYR A 77 -8.01 -28.82 3.10
CA TYR A 77 -7.74 -27.42 3.42
C TYR A 77 -6.59 -27.39 4.42
N SER A 78 -5.43 -26.90 3.98
CA SER A 78 -4.26 -26.78 4.83
C SER A 78 -3.97 -28.08 5.56
N GLY A 79 -3.95 -29.18 4.80
CA GLY A 79 -3.52 -30.46 5.33
C GLY A 79 -4.60 -31.28 6.02
N SER A 80 -5.83 -30.77 6.11
CA SER A 80 -6.93 -31.50 6.71
C SER A 80 -8.06 -31.63 5.69
N SER A 81 -8.79 -32.74 5.78
CA SER A 81 -9.80 -33.08 4.78
C SER A 81 -11.21 -32.91 5.37
N TYR A 82 -12.12 -32.45 4.53
CA TYR A 82 -13.49 -32.18 4.90
C TYR A 82 -14.39 -32.63 3.76
N PRO A 83 -15.68 -32.86 4.03
CA PRO A 83 -16.60 -33.23 2.94
C PRO A 83 -16.72 -32.12 1.92
N PHE A 84 -16.85 -32.52 0.65
CA PHE A 84 -17.13 -31.59 -0.44
C PHE A 84 -18.31 -32.16 -1.22
N PRO A 85 -19.40 -31.41 -1.41
CA PRO A 85 -19.70 -30.04 -0.98
C PRO A 85 -19.61 -29.86 0.53
N THR A 86 -19.28 -28.65 0.97
CA THR A 86 -18.96 -28.40 2.37
C THR A 86 -20.21 -28.35 3.23
N THR A 87 -20.05 -28.78 4.49
CA THR A 87 -21.09 -28.66 5.51
C THR A 87 -20.74 -27.68 6.60
N SER A 88 -19.46 -27.49 6.87
CA SER A 88 -18.99 -26.56 7.89
C SER A 88 -17.94 -25.65 7.26
N GLU A 89 -17.52 -24.67 8.04
CA GLU A 89 -16.47 -23.76 7.60
C GLU A 89 -15.16 -24.20 8.25
N THR A 90 -14.08 -24.11 7.48
CA THR A 90 -12.81 -24.70 7.89
C THR A 90 -12.15 -23.89 9.01
N PRO A 91 -11.11 -24.46 9.61
CA PRO A 91 -10.23 -23.64 10.47
C PRO A 91 -9.56 -22.55 9.66
N ARG A 92 -9.06 -21.53 10.35
CA ARG A 92 -8.46 -20.40 9.67
C ARG A 92 -7.03 -20.71 9.24
N VAL A 93 -6.65 -20.19 8.07
CA VAL A 93 -5.25 -20.09 7.67
C VAL A 93 -4.84 -18.64 7.80
N VAL A 94 -3.57 -18.43 8.14
CA VAL A 94 -3.03 -17.10 8.43
C VAL A 94 -2.19 -16.61 7.27
N TYR A 95 -2.42 -15.37 6.85
CA TYR A 95 -1.57 -14.67 5.90
C TYR A 95 -0.95 -13.45 6.60
N ASN A 96 0.38 -13.40 6.65
CA ASN A 96 1.05 -12.29 7.32
C ASN A 96 2.19 -11.74 6.49
N SER A 97 2.08 -11.78 5.16
CA SER A 97 3.16 -11.31 4.30
C SER A 97 2.59 -10.62 3.08
N ARG A 98 3.33 -9.62 2.58
CA ARG A 98 2.97 -8.97 1.33
C ARG A 98 3.28 -9.82 0.11
N THR A 99 4.18 -10.79 0.24
CA THR A 99 4.47 -11.69 -0.86
C THR A 99 3.37 -12.74 -0.94
N ASP A 100 2.92 -13.00 -2.17
CA ASP A 100 1.81 -13.92 -2.40
C ASP A 100 2.12 -15.30 -1.83
N LYS A 101 1.10 -15.93 -1.26
CA LYS A 101 1.16 -17.28 -0.72
C LYS A 101 -0.02 -18.08 -1.24
N PRO A 102 0.14 -19.39 -1.43
CA PRO A 102 -0.97 -20.19 -1.94
C PRO A 102 -2.16 -20.19 -1.01
N TRP A 103 -3.36 -20.30 -1.59
CA TRP A 103 -4.54 -20.68 -0.85
C TRP A 103 -4.58 -22.19 -0.83
N PRO A 104 -4.36 -22.86 0.30
CA PRO A 104 -4.11 -24.32 0.26
C PRO A 104 -5.38 -25.17 0.19
N VAL A 105 -6.05 -25.11 -0.96
CA VAL A 105 -7.28 -25.85 -1.21
C VAL A 105 -7.02 -26.84 -2.34
N ALA A 106 -7.46 -28.09 -2.15
CA ALA A 106 -7.48 -29.07 -3.21
C ALA A 106 -8.73 -29.93 -3.07
N LEU A 107 -9.40 -30.19 -4.19
CA LEU A 107 -10.54 -31.08 -4.20
C LEU A 107 -10.11 -32.48 -4.60
N TYR A 108 -10.65 -33.48 -3.91
CA TYR A 108 -10.39 -34.88 -4.22
C TYR A 108 -11.73 -35.49 -4.58
N LEU A 109 -11.93 -35.78 -5.87
CA LEU A 109 -13.22 -36.18 -6.41
C LEU A 109 -13.10 -37.59 -6.96
N THR A 110 -13.93 -38.49 -6.45
CA THR A 110 -13.93 -39.88 -6.89
C THR A 110 -15.22 -40.19 -7.66
N PRO A 111 -15.15 -40.89 -8.79
CA PRO A 111 -16.38 -41.17 -9.54
C PRO A 111 -17.34 -42.05 -8.76
N VAL A 112 -18.62 -41.69 -8.81
CA VAL A 112 -19.69 -42.52 -8.26
C VAL A 112 -20.26 -43.45 -9.32
N SER A 113 -20.60 -42.92 -10.48
CA SER A 113 -21.19 -43.70 -11.55
C SER A 113 -20.76 -43.13 -12.89
N SER A 114 -20.60 -44.02 -13.88
CA SER A 114 -20.15 -43.59 -15.19
C SER A 114 -20.48 -44.66 -16.22
N ALA A 115 -20.80 -44.20 -17.43
CA ALA A 115 -21.10 -45.07 -18.55
C ALA A 115 -19.92 -45.20 -19.51
N GLY A 116 -18.75 -44.68 -19.11
CA GLY A 116 -17.57 -44.68 -19.95
C GLY A 116 -17.31 -43.39 -20.69
N GLY A 117 -18.26 -42.47 -20.74
CA GLY A 117 -18.15 -41.24 -21.51
C GLY A 117 -17.45 -40.11 -20.78
N VAL A 118 -17.82 -38.89 -21.16
CA VAL A 118 -17.27 -37.66 -20.61
C VAL A 118 -18.01 -37.32 -19.31
N ALA A 119 -17.33 -37.52 -18.17
CA ALA A 119 -17.94 -37.24 -16.88
C ALA A 119 -17.99 -35.74 -16.61
N ILE A 120 -16.97 -35.00 -17.05
CA ILE A 120 -16.89 -33.55 -16.89
C ILE A 120 -16.60 -32.96 -18.26
N LYS A 121 -17.44 -32.02 -18.70
CA LYS A 121 -17.30 -31.42 -20.02
C LYS A 121 -16.36 -30.22 -19.95
N ALA A 122 -15.49 -30.11 -20.95
CA ALA A 122 -14.61 -28.96 -21.07
C ALA A 122 -15.42 -27.67 -21.04
N GLY A 123 -14.96 -26.71 -20.24
CA GLY A 123 -15.61 -25.42 -20.15
C GLY A 123 -16.71 -25.32 -19.11
N SER A 124 -17.09 -26.43 -18.48
CA SER A 124 -18.22 -26.40 -17.55
C SER A 124 -17.76 -25.95 -16.17
N LEU A 125 -18.68 -25.33 -15.44
CA LEU A 125 -18.46 -24.98 -14.04
C LEU A 125 -18.50 -26.26 -13.21
N ILE A 126 -17.43 -26.51 -12.45
CA ILE A 126 -17.38 -27.70 -11.60
C ILE A 126 -17.48 -27.35 -10.12
N ALA A 127 -17.11 -26.14 -9.71
CA ALA A 127 -17.17 -25.81 -8.29
C ALA A 127 -17.21 -24.30 -8.12
N VAL A 128 -17.80 -23.88 -7.00
CA VAL A 128 -17.66 -22.52 -6.49
C VAL A 128 -17.10 -22.62 -5.09
N LEU A 129 -15.96 -21.97 -4.87
CA LEU A 129 -15.29 -21.96 -3.57
C LEU A 129 -15.30 -20.53 -3.07
N ILE A 130 -15.85 -20.32 -1.88
CA ILE A 130 -15.90 -18.98 -1.28
C ILE A 130 -14.83 -18.91 -0.20
N LEU A 131 -13.86 -18.04 -0.41
CA LEU A 131 -12.86 -17.72 0.58
C LEU A 131 -13.36 -16.56 1.43
N ARG A 132 -13.42 -16.75 2.74
CA ARG A 132 -13.82 -15.70 3.66
C ARG A 132 -12.57 -15.17 4.37
N GLN A 133 -12.35 -13.87 4.29
CA GLN A 133 -11.19 -13.24 4.89
C GLN A 133 -11.65 -12.33 6.02
N THR A 134 -11.13 -12.58 7.21
CA THR A 134 -11.28 -11.70 8.36
C THR A 134 -9.89 -11.29 8.83
N ASN A 135 -9.82 -10.59 9.95
CA ASN A 135 -8.53 -10.20 10.52
C ASN A 135 -8.68 -10.01 12.02
N ASN A 136 -7.55 -9.68 12.65
CA ASN A 136 -7.51 -9.36 14.07
C ASN A 136 -7.45 -7.86 14.33
N TYR A 137 -7.93 -7.06 13.37
CA TYR A 137 -7.76 -5.61 13.38
C TYR A 137 -9.09 -4.87 13.41
N ASN A 138 -10.01 -5.22 12.51
CA ASN A 138 -11.32 -4.58 12.45
C ASN A 138 -12.36 -5.68 12.29
N SER A 139 -13.56 -5.31 11.86
CA SER A 139 -14.65 -6.26 11.65
C SER A 139 -14.80 -6.66 10.19
N ASP A 140 -13.77 -6.47 9.37
CA ASP A 140 -13.83 -6.87 7.97
C ASP A 140 -14.22 -8.33 7.83
N ASP A 141 -15.15 -8.59 6.92
CA ASP A 141 -15.62 -9.94 6.64
C ASP A 141 -15.93 -10.00 5.15
N PHE A 142 -14.91 -10.31 4.36
CA PHE A 142 -14.97 -10.19 2.92
C PHE A 142 -14.99 -11.56 2.26
N GLN A 143 -15.75 -11.68 1.18
CA GLN A 143 -15.88 -12.92 0.43
C GLN A 143 -15.12 -12.81 -0.88
N PHE A 144 -14.25 -13.77 -1.13
CA PHE A 144 -13.56 -13.92 -2.40
C PHE A 144 -14.11 -15.19 -3.06
N VAL A 145 -14.90 -15.02 -4.10
CA VAL A 145 -15.67 -16.11 -4.70
C VAL A 145 -14.90 -16.60 -5.93
N TRP A 146 -14.53 -17.88 -5.91
CA TRP A 146 -13.73 -18.48 -6.98
C TRP A 146 -14.63 -19.46 -7.75
N ASN A 147 -14.88 -19.14 -9.02
CA ASN A 147 -15.68 -19.98 -9.90
C ASN A 147 -14.74 -20.89 -10.68
N ILE A 148 -14.77 -22.18 -10.38
CA ILE A 148 -13.82 -23.14 -10.93
C ILE A 148 -14.42 -23.77 -12.19
N TYR A 149 -13.74 -23.57 -13.31
CA TYR A 149 -14.14 -24.12 -14.59
C TYR A 149 -13.12 -25.15 -15.06
N ALA A 150 -13.61 -26.21 -15.70
CA ALA A 150 -12.72 -27.21 -16.29
C ALA A 150 -12.19 -26.73 -17.63
N ASN A 151 -10.89 -26.91 -17.84
CA ASN A 151 -10.28 -26.58 -19.12
C ASN A 151 -10.45 -27.68 -20.15
N ASN A 152 -10.73 -28.90 -19.73
CA ASN A 152 -10.70 -30.04 -20.63
C ASN A 152 -11.69 -31.09 -20.16
N ASP A 153 -12.07 -31.96 -21.09
CA ASP A 153 -12.91 -33.10 -20.75
C ASP A 153 -12.21 -34.01 -19.75
N VAL A 154 -13.00 -34.62 -18.88
CA VAL A 154 -12.55 -35.71 -18.03
C VAL A 154 -13.40 -36.93 -18.33
N VAL A 155 -12.73 -38.06 -18.61
CA VAL A 155 -13.40 -39.30 -18.95
C VAL A 155 -13.18 -40.30 -17.81
N VAL A 156 -14.21 -41.08 -17.52
CA VAL A 156 -14.11 -42.16 -16.55
C VAL A 156 -14.32 -43.47 -17.31
N PRO A 157 -13.26 -44.17 -17.69
CA PRO A 157 -13.45 -45.37 -18.52
C PRO A 157 -14.24 -46.43 -17.80
N THR A 158 -14.98 -47.23 -18.57
CA THR A 158 -15.77 -48.32 -18.03
C THR A 158 -15.75 -49.51 -18.99
N PHE B 1 0.09 8.45 3.95
CA PHE B 1 0.75 9.76 3.68
C PHE B 1 2.26 9.60 3.60
N ALA B 2 2.85 10.13 2.54
CA ALA B 2 4.29 10.08 2.34
C ALA B 2 4.69 11.27 1.48
N CYS B 3 5.99 11.57 1.48
CA CYS B 3 6.51 12.75 0.81
C CYS B 3 7.77 12.39 0.05
N LYS B 4 8.12 13.24 -0.91
CA LYS B 4 9.37 13.10 -1.65
C LYS B 4 9.88 14.47 -2.02
N THR B 5 11.17 14.54 -2.32
CA THR B 5 11.80 15.78 -2.74
C THR B 5 11.90 15.86 -4.26
N ALA B 6 12.28 17.04 -4.74
CA ALA B 6 12.36 17.28 -6.18
C ALA B 6 13.22 16.22 -6.88
N ASN B 7 14.33 15.81 -6.26
CA ASN B 7 15.20 14.83 -6.87
C ASN B 7 14.83 13.38 -6.49
N GLY B 8 13.74 13.19 -5.76
CA GLY B 8 13.20 11.86 -5.52
C GLY B 8 13.53 11.20 -4.19
N THR B 9 14.30 11.84 -3.31
CA THR B 9 14.48 11.28 -1.98
C THR B 9 13.15 11.36 -1.22
N ALA B 10 12.72 10.25 -0.64
CA ALA B 10 11.38 10.13 -0.07
C ALA B 10 11.44 9.90 1.44
N ILE B 11 10.37 10.31 2.12
CA ILE B 11 10.12 9.93 3.50
C ILE B 11 8.84 9.11 3.50
N PRO B 12 8.86 7.86 3.97
CA PRO B 12 7.70 6.96 3.83
C PRO B 12 6.63 7.24 4.89
N ILE B 13 5.54 6.47 4.78
CA ILE B 13 4.50 6.39 5.79
C ILE B 13 5.15 6.28 7.16
N GLY B 14 4.67 7.08 8.11
CA GLY B 14 5.20 7.08 9.45
C GLY B 14 6.22 8.15 9.72
N GLY B 15 6.72 8.82 8.68
CA GLY B 15 7.65 9.90 8.86
C GLY B 15 9.10 9.43 8.82
N GLY B 16 9.97 10.34 9.24
CA GLY B 16 11.40 10.15 9.13
C GLY B 16 12.06 11.44 8.73
N SER B 17 13.21 11.37 8.07
CA SER B 17 13.92 12.58 7.66
C SER B 17 14.53 12.38 6.28
N ALA B 18 14.76 13.50 5.61
CA ALA B 18 15.38 13.51 4.29
C ALA B 18 16.09 14.84 4.11
N ASN B 19 17.10 14.83 3.24
CA ASN B 19 17.87 16.03 2.93
C ASN B 19 17.34 16.68 1.66
N VAL B 20 17.28 18.01 1.67
CA VAL B 20 16.88 18.79 0.51
C VAL B 20 18.06 19.69 0.14
N TYR B 21 18.52 19.56 -1.11
CA TYR B 21 19.65 20.34 -1.60
C TYR B 21 19.10 21.35 -2.61
N VAL B 22 19.08 22.63 -2.24
CA VAL B 22 18.40 23.67 -3.02
C VAL B 22 19.43 24.67 -3.53
N ASN B 23 19.25 25.11 -4.77
CA ASN B 23 19.97 26.28 -5.26
C ASN B 23 19.43 27.54 -4.59
N LEU B 24 20.33 28.40 -4.16
CA LEU B 24 19.98 29.68 -3.57
C LEU B 24 20.43 30.80 -4.48
N ALA B 25 19.70 31.91 -4.45
CA ALA B 25 20.13 33.09 -5.20
C ALA B 25 21.56 33.44 -4.79
N PRO B 26 22.49 33.55 -5.73
CA PRO B 26 23.90 33.66 -5.34
C PRO B 26 24.27 34.98 -4.66
N VAL B 27 23.46 36.02 -4.80
CA VAL B 27 23.79 37.34 -4.25
C VAL B 27 22.56 37.89 -3.54
N VAL B 28 22.76 38.38 -2.33
CA VAL B 28 21.73 39.06 -1.56
C VAL B 28 22.34 40.32 -0.97
N ASN B 29 21.91 41.48 -1.47
CA ASN B 29 22.41 42.74 -0.95
C ASN B 29 21.74 43.06 0.38
N VAL B 30 22.40 43.92 1.16
CA VAL B 30 21.80 44.41 2.39
C VAL B 30 20.46 45.05 2.07
N GLY B 31 19.45 44.74 2.88
CA GLY B 31 18.12 45.24 2.66
C GLY B 31 17.30 44.47 1.66
N GLN B 32 17.85 43.42 1.05
CA GLN B 32 17.06 42.55 0.19
C GLN B 32 16.63 41.31 0.96
N ASN B 33 15.59 40.66 0.47
CA ASN B 33 15.06 39.45 1.08
C ASN B 33 15.46 38.27 0.21
N LEU B 34 16.07 37.26 0.82
CA LEU B 34 16.36 35.99 0.14
C LEU B 34 15.20 35.03 0.35
N VAL B 35 14.52 34.69 -0.73
CA VAL B 35 13.40 33.81 -0.64
C VAL B 35 13.76 32.43 -1.16
N VAL B 36 13.46 31.39 -0.39
CA VAL B 36 13.68 30.04 -0.83
C VAL B 36 12.28 29.41 -0.75
N ASP B 37 11.74 28.97 -1.88
CA ASP B 37 10.42 28.40 -1.88
C ASP B 37 10.53 26.88 -1.91
N LEU B 38 10.26 26.26 -0.76
CA LEU B 38 10.37 24.81 -0.67
C LEU B 38 9.19 24.06 -1.26
N SER B 39 8.12 24.77 -1.65
CA SER B 39 7.03 24.11 -2.35
C SER B 39 7.46 23.58 -3.71
N THR B 40 8.59 24.07 -4.24
CA THR B 40 9.17 23.49 -5.44
C THR B 40 10.05 22.30 -5.15
N GLN B 41 10.28 21.99 -3.87
CA GLN B 41 11.24 20.98 -3.47
C GLN B 41 10.64 19.81 -2.72
N ILE B 42 9.48 19.99 -2.08
CA ILE B 42 8.90 18.99 -1.20
C ILE B 42 7.46 18.78 -1.60
N PHE B 43 7.10 17.51 -1.85
CA PHE B 43 5.78 17.14 -2.32
C PHE B 43 5.26 15.97 -1.50
N CYS B 44 3.96 15.99 -1.22
CA CYS B 44 3.34 14.96 -0.38
C CYS B 44 2.02 14.55 -1.00
N HIS B 45 1.52 13.38 -0.57
CA HIS B 45 0.27 12.88 -1.09
C HIS B 45 -0.45 12.06 -0.03
N ASN B 46 -1.74 11.88 -0.24
CA ASN B 46 -2.59 11.07 0.62
C ASN B 46 -2.69 9.66 0.04
N ASP B 47 -2.45 8.65 0.87
CA ASP B 47 -2.44 7.26 0.41
C ASP B 47 -3.80 6.57 0.48
N TYR B 48 -4.82 7.22 1.05
CA TYR B 48 -6.13 6.59 1.12
C TYR B 48 -7.18 7.68 1.18
N PRO B 49 -7.29 8.49 0.12
CA PRO B 49 -8.22 9.63 0.16
C PRO B 49 -9.69 9.24 0.18
N GLU B 50 -10.05 8.00 -0.19
CA GLU B 50 -11.45 7.61 -0.17
C GLU B 50 -12.03 7.79 1.24
N THR B 51 -11.24 7.52 2.26
CA THR B 51 -11.73 7.51 3.63
C THR B 51 -11.01 8.50 4.53
N ILE B 52 -9.76 8.84 4.22
CA ILE B 52 -8.90 9.60 5.13
C ILE B 52 -8.56 10.94 4.51
N THR B 53 -8.68 12.00 5.30
CA THR B 53 -8.13 13.30 4.96
C THR B 53 -6.89 13.56 5.81
N ASP B 54 -5.79 13.94 5.17
CA ASP B 54 -4.52 14.20 5.83
C ASP B 54 -4.37 15.68 6.16
N TYR B 55 -3.90 15.97 7.37
CA TYR B 55 -3.64 17.34 7.82
C TYR B 55 -2.15 17.53 8.03
N VAL B 56 -1.62 18.66 7.56
CA VAL B 56 -0.19 18.89 7.52
C VAL B 56 0.12 20.31 7.99
N THR B 57 1.01 20.42 8.98
CA THR B 57 1.49 21.70 9.48
C THR B 57 3.00 21.79 9.36
N LEU B 58 3.50 23.01 9.43
CA LEU B 58 4.89 23.26 9.81
C LEU B 58 4.93 23.32 11.32
N GLN B 59 5.44 22.25 11.95
CA GLN B 59 5.47 22.18 13.40
C GLN B 59 6.56 23.08 13.98
N ARG B 60 7.73 23.10 13.35
CA ARG B 60 8.84 23.87 13.87
C ARG B 60 9.87 24.07 12.77
N GLY B 61 10.41 25.28 12.70
CA GLY B 61 11.49 25.60 11.78
C GLY B 61 12.69 26.21 12.48
N SER B 62 13.86 25.63 12.26
CA SER B 62 15.09 26.07 12.90
C SER B 62 16.11 26.48 11.85
N ALA B 63 16.92 27.48 12.19
CA ALA B 63 17.97 27.98 11.32
C ALA B 63 19.32 27.41 11.75
N TYR B 64 20.22 27.27 10.79
CA TYR B 64 21.57 26.78 11.06
C TYR B 64 22.57 27.50 10.18
N GLY B 65 23.84 27.35 10.54
CA GLY B 65 24.94 27.88 9.76
C GLY B 65 24.79 29.36 9.49
N GLY B 66 25.04 29.74 8.23
CA GLY B 66 25.01 31.14 7.85
C GLY B 66 23.65 31.79 8.02
N VAL B 67 22.57 31.03 7.87
CA VAL B 67 21.24 31.60 8.02
C VAL B 67 20.99 32.00 9.47
N LEU B 68 21.38 31.14 10.41
CA LEU B 68 21.23 31.46 11.82
C LEU B 68 22.00 32.71 12.19
N SER B 69 23.25 32.81 11.73
CA SER B 69 24.14 33.87 12.18
C SER B 69 23.95 35.16 11.38
N ASN B 70 23.68 35.07 10.08
CA ASN B 70 23.74 36.25 9.20
C ASN B 70 22.40 36.70 8.65
N PHE B 71 21.29 36.04 8.98
CA PHE B 71 20.01 36.40 8.41
C PHE B 71 18.93 36.53 9.48
N SER B 72 17.97 37.41 9.20
CA SER B 72 16.72 37.51 9.95
C SER B 72 15.62 37.03 9.02
N GLY B 73 14.67 36.26 9.55
CA GLY B 73 13.80 35.47 8.71
C GLY B 73 12.34 35.47 9.13
N THR B 74 11.50 35.19 8.15
CA THR B 74 10.12 34.77 8.33
C THR B 74 9.87 33.57 7.43
N VAL B 75 8.85 32.79 7.78
CA VAL B 75 8.39 31.69 6.94
C VAL B 75 6.95 31.96 6.54
N LYS B 76 6.66 31.79 5.25
CA LYS B 76 5.30 31.89 4.75
C LYS B 76 4.76 30.47 4.56
N TYR B 77 3.66 30.15 5.25
CA TYR B 77 3.05 28.83 5.18
C TYR B 77 1.61 28.97 4.69
N SER B 78 1.35 28.48 3.48
CA SER B 78 0.01 28.50 2.91
C SER B 78 -0.58 29.90 2.97
N GLY B 79 0.20 30.88 2.52
CA GLY B 79 -0.27 32.24 2.35
C GLY B 79 -0.19 33.13 3.57
N SER B 80 0.25 32.61 4.72
CA SER B 80 0.40 33.41 5.93
C SER B 80 1.85 33.35 6.40
N SER B 81 2.28 34.43 7.06
CA SER B 81 3.67 34.61 7.44
C SER B 81 3.84 34.43 8.94
N TYR B 82 4.95 33.83 9.33
CA TYR B 82 5.26 33.52 10.73
C TYR B 82 6.72 33.77 10.97
N PRO B 83 7.13 33.98 12.23
CA PRO B 83 8.56 34.16 12.51
C PRO B 83 9.36 32.91 12.18
N PHE B 84 10.58 33.11 11.69
CA PHE B 84 11.52 32.02 11.44
C PHE B 84 12.85 32.41 12.08
N PRO B 85 13.42 31.59 13.00
CA PRO B 85 12.93 30.30 13.50
C PRO B 85 11.55 30.38 14.12
N THR B 86 10.81 29.29 14.04
CA THR B 86 9.41 29.28 14.44
C THR B 86 9.29 29.26 15.95
N THR B 87 8.20 29.85 16.43
CA THR B 87 7.85 29.80 17.84
C THR B 87 6.62 28.95 18.12
N SER B 88 5.71 28.79 17.15
CA SER B 88 4.51 27.99 17.31
C SER B 88 4.31 27.11 16.06
N GLU B 89 3.24 26.33 16.08
CA GLU B 89 2.84 25.47 14.97
C GLU B 89 1.79 26.16 14.10
N THR B 90 1.93 26.00 12.79
CA THR B 90 1.10 26.70 11.82
C THR B 90 -0.29 26.07 11.72
N PRO B 91 -1.21 26.72 11.00
CA PRO B 91 -2.46 26.04 10.61
C PRO B 91 -2.19 24.86 9.70
N ARG B 92 -3.20 23.99 9.62
CA ARG B 92 -3.12 22.78 8.82
C ARG B 92 -3.43 23.02 7.35
N VAL B 93 -2.72 22.31 6.50
CA VAL B 93 -3.06 22.18 5.08
C VAL B 93 -3.66 20.80 4.87
N VAL B 94 -4.61 20.71 3.94
CA VAL B 94 -5.35 19.47 3.70
C VAL B 94 -4.75 18.78 2.49
N TYR B 95 -4.45 17.49 2.64
CA TYR B 95 -4.04 16.62 1.55
C TYR B 95 -5.09 15.55 1.36
N ASN B 96 -5.69 15.53 0.17
CA ASN B 96 -6.84 14.69 -0.11
C ASN B 96 -6.73 14.01 -1.46
N SER B 97 -5.51 13.77 -1.94
CA SER B 97 -5.30 13.18 -3.25
C SER B 97 -4.06 12.29 -3.23
N ARG B 98 -4.10 11.25 -4.07
CA ARG B 98 -2.91 10.43 -4.30
C ARG B 98 -1.89 11.15 -5.17
N THR B 99 -2.30 12.20 -5.87
CA THR B 99 -1.38 12.99 -6.68
C THR B 99 -0.53 13.87 -5.78
N ASP B 100 0.77 13.90 -6.02
CA ASP B 100 1.67 14.70 -5.19
C ASP B 100 1.26 16.16 -5.25
N LYS B 101 1.34 16.83 -4.10
CA LYS B 101 1.01 18.23 -3.97
C LYS B 101 2.15 18.93 -3.24
N PRO B 102 2.45 20.19 -3.59
CA PRO B 102 3.54 20.87 -2.89
C PRO B 102 3.24 21.07 -1.42
N TRP B 103 4.30 21.06 -0.62
CA TRP B 103 4.23 21.54 0.75
C TRP B 103 4.46 23.05 0.73
N PRO B 104 3.45 23.86 1.04
CA PRO B 104 3.56 25.31 0.73
C PRO B 104 4.37 26.09 1.76
N VAL B 105 5.67 25.84 1.77
CA VAL B 105 6.61 26.50 2.69
C VAL B 105 7.57 27.34 1.87
N ALA B 106 7.78 28.58 2.30
CA ALA B 106 8.82 29.42 1.73
C ALA B 106 9.47 30.24 2.84
N LEU B 107 10.79 30.29 2.85
CA LEU B 107 11.54 31.11 3.80
C LEU B 107 11.88 32.45 3.19
N TYR B 108 11.74 33.51 3.99
CA TYR B 108 12.08 34.87 3.59
C TYR B 108 13.17 35.37 4.54
N LEU B 109 14.40 35.47 4.04
CA LEU B 109 15.58 35.73 4.85
C LEU B 109 16.23 37.05 4.42
N THR B 110 16.39 37.98 5.38
CA THR B 110 17.07 39.24 5.07
C THR B 110 18.38 39.33 5.85
N PRO B 111 19.47 39.79 5.23
CA PRO B 111 20.75 39.89 5.96
C PRO B 111 20.67 40.88 7.11
N VAL B 112 21.35 40.55 8.20
CA VAL B 112 21.47 41.47 9.34
C VAL B 112 22.63 42.42 9.09
N SER B 113 22.75 43.44 9.93
CA SER B 113 23.79 44.46 9.76
C SER B 113 25.17 43.83 9.61
N SER B 114 25.54 42.95 10.52
CA SER B 114 26.85 42.31 10.56
C SER B 114 26.93 41.06 9.70
N ALA B 115 26.15 40.98 8.63
CA ALA B 115 26.04 39.75 7.86
C ALA B 115 27.41 39.22 7.44
N GLY B 116 28.19 40.03 6.75
CA GLY B 116 29.47 39.60 6.22
C GLY B 116 29.36 39.19 4.76
N GLY B 117 30.50 38.83 4.20
CA GLY B 117 30.56 38.58 2.78
C GLY B 117 30.00 37.24 2.38
N VAL B 118 30.65 36.14 2.73
CA VAL B 118 30.15 34.81 2.41
C VAL B 118 29.16 34.47 3.52
N ALA B 119 27.88 34.76 3.28
CA ALA B 119 26.87 34.59 4.32
C ALA B 119 26.44 33.14 4.46
N ILE B 120 26.33 32.41 3.35
CA ILE B 120 25.94 31.01 3.36
C ILE B 120 26.96 30.25 2.53
N LYS B 121 27.59 29.24 3.12
CA LYS B 121 28.61 28.46 2.44
C LYS B 121 27.97 27.29 1.70
N ALA B 122 28.45 27.06 0.48
CA ALA B 122 27.97 25.93 -0.32
C ALA B 122 28.07 24.64 0.48
N GLY B 123 27.00 23.85 0.43
CA GLY B 123 26.97 22.57 1.10
C GLY B 123 26.51 22.60 2.54
N SER B 124 26.31 23.78 3.11
CA SER B 124 26.01 23.89 4.54
C SER B 124 24.52 23.70 4.81
N LEU B 125 24.23 23.19 6.00
CA LEU B 125 22.87 23.11 6.49
C LEU B 125 22.37 24.51 6.83
N ILE B 126 21.23 24.90 6.25
CA ILE B 126 20.66 26.21 6.50
C ILE B 126 19.39 26.16 7.33
N ALA B 127 18.65 25.05 7.31
CA ALA B 127 17.41 24.98 8.06
C ALA B 127 17.02 23.52 8.28
N VAL B 128 16.27 23.29 9.36
CA VAL B 128 15.55 22.04 9.57
C VAL B 128 14.07 22.40 9.72
N LEU B 129 13.24 21.83 8.86
CA LEU B 129 11.80 22.09 8.86
C LEU B 129 11.09 20.79 9.20
N ILE B 130 10.26 20.82 10.23
CA ILE B 130 9.52 19.64 10.67
C ILE B 130 8.09 19.78 10.18
N LEU B 131 7.69 18.87 9.29
CA LEU B 131 6.32 18.72 8.86
C LEU B 131 5.64 17.73 9.80
N ARG B 132 4.54 18.14 10.43
CA ARG B 132 3.76 17.26 11.29
C ARG B 132 2.48 16.89 10.56
N GLN B 133 2.27 15.58 10.40
CA GLN B 133 1.13 15.06 9.65
C GLN B 133 0.20 14.31 10.60
N THR B 134 -1.05 14.74 10.64
CA THR B 134 -2.12 14.05 11.32
C THR B 134 -3.18 13.71 10.26
N ASN B 135 -4.31 13.19 10.71
CA ASN B 135 -5.40 12.88 9.80
C ASN B 135 -6.72 12.97 10.56
N ASN B 136 -7.81 12.71 9.85
CA ASN B 136 -9.14 12.70 10.43
C ASN B 136 -9.64 11.28 10.68
N TYR B 137 -8.73 10.32 10.84
CA TYR B 137 -9.07 8.90 10.89
C TYR B 137 -8.61 8.23 12.17
N ASN B 138 -7.35 8.39 12.55
CA ASN B 138 -6.82 7.74 13.75
C ASN B 138 -6.01 8.79 14.52
N SER B 139 -5.15 8.31 15.42
CA SER B 139 -4.31 9.18 16.24
C SER B 139 -2.90 9.32 15.68
N ASP B 140 -2.69 9.04 14.40
CA ASP B 140 -1.39 9.19 13.80
C ASP B 140 -0.88 10.62 13.99
N ASP B 141 0.37 10.76 14.40
CA ASP B 141 0.98 12.07 14.63
C ASP B 141 2.46 11.91 14.27
N PHE B 142 2.75 12.10 12.98
CA PHE B 142 4.04 11.74 12.40
C PHE B 142 4.82 12.99 12.03
N GLN B 143 6.14 12.93 12.21
CA GLN B 143 7.03 14.03 11.88
C GLN B 143 7.84 13.68 10.64
N PHE B 144 7.82 14.57 9.65
CA PHE B 144 8.66 14.48 8.46
C PHE B 144 9.68 15.62 8.57
N VAL B 145 10.93 15.27 8.81
CA VAL B 145 11.98 16.24 9.13
C VAL B 145 12.78 16.50 7.85
N TRP B 146 12.79 17.75 7.40
CA TRP B 146 13.47 18.14 6.18
C TRP B 146 14.71 18.95 6.51
N ASN B 147 15.88 18.41 6.16
CA ASN B 147 17.16 19.06 6.39
C ASN B 147 17.54 19.80 5.11
N ILE B 148 17.52 21.13 5.17
CA ILE B 148 17.71 21.97 3.99
C ILE B 148 19.18 22.34 3.88
N TYR B 149 19.81 21.96 2.77
CA TYR B 149 21.20 22.28 2.49
C TYR B 149 21.29 23.24 1.32
N ALA B 150 22.24 24.17 1.40
CA ALA B 150 22.53 25.09 0.31
C ALA B 150 23.42 24.40 -0.72
N ASN B 151 23.08 24.56 -2.01
CA ASN B 151 23.89 24.01 -3.08
C ASN B 151 25.07 24.91 -3.44
N ASN B 152 25.03 26.18 -3.05
CA ASN B 152 25.99 27.16 -3.52
C ASN B 152 26.19 28.23 -2.47
N ASP B 153 27.31 28.94 -2.58
CA ASP B 153 27.54 30.10 -1.72
C ASP B 153 26.48 31.16 -1.96
N VAL B 154 26.14 31.88 -0.89
CA VAL B 154 25.38 33.12 -0.99
C VAL B 154 26.23 34.22 -0.39
N VAL B 155 26.42 35.30 -1.15
CA VAL B 155 27.29 36.39 -0.74
C VAL B 155 26.46 37.63 -0.46
N VAL B 156 26.87 38.40 0.54
CA VAL B 156 26.26 39.69 0.85
C VAL B 156 27.30 40.78 0.59
N PRO B 157 27.30 41.41 -0.58
CA PRO B 157 28.34 42.40 -0.89
C PRO B 157 28.26 43.61 0.03
N THR B 158 29.41 44.25 0.21
CA THR B 158 29.49 45.47 1.01
C THR B 158 28.80 46.64 0.30
C4 EJK C . -6.99 -6.63 5.57
C5 EJK C . -5.78 -5.72 5.60
C6 EJK C . -4.52 -6.53 5.81
C3 EJK C . -8.21 -5.75 5.39
C1 EJK C . -6.82 -4.13 4.17
C2 EJK C . -8.07 -4.99 4.10
CAA EJK C . -5.93 -2.41 5.62
CAB EJK C . -4.74 -2.26 4.94
CAC EJK C . -3.82 -1.32 5.40
CAD EJK C . -4.01 -0.62 6.59
CAE EJK C . -5.25 -0.74 7.20
CAF EJK C . -6.20 -1.63 6.73
CAG EJK C . -3.14 0.37 7.07
CAH EJK C . -2.16 0.96 6.26
CAI EJK C . -1.26 1.89 6.78
CAJ EJK C . -1.20 2.13 8.14
CAK EJK C . -2.08 1.45 8.97
CAL EJK C . -3.01 0.56 8.46
CBE EJK C . -0.26 3.03 8.69
FAH EJK C . -2.21 0.85 5.02
FAI EJK C . -0.43 2.55 5.96
FAK EJK C . -2.03 1.66 10.32
FAL EJK C . -3.81 -0.05 9.36
NBF EJK C . 0.50 3.77 9.13
O1 EJK C . -6.95 -3.25 5.29
O2 EJK C . -7.97 -5.89 2.99
O3 EJK C . -9.40 -6.56 5.36
O4 EJK C . -7.08 -7.31 6.81
O5 EJK C . -5.66 -4.96 4.39
O6 EJK C . -4.47 -7.35 4.65
CL1 EJK C . -7.68 -1.82 7.57
H41 EJK C . -6.91 -7.33 4.75
H5 EJK C . -5.88 -5.02 6.44
H61 EJK C . -3.61 -6.01 5.71
H62 EJK C . -4.56 -7.27 6.56
H31 EJK C . -8.28 -5.05 6.23
H1 EJK C . -6.70 -3.55 3.26
H21 EJK C . -8.94 -4.34 3.96
HAB EJK C . -4.53 -2.86 4.05
HAC EJK C . -2.86 -1.24 4.89
HAE EJK C . -5.47 -0.15 8.09
H22 EJK C . -7.87 -5.36 2.14
H32 EJK C . -9.35 -7.19 4.59
H42 EJK C . -7.87 -7.92 6.80
H63 EJK C . -3.66 -7.94 4.69
S SO4 D . -9.84 -21.92 14.15
O1 SO4 D . -9.38 -23.30 14.23
O2 SO4 D . -9.56 -21.24 15.41
O3 SO4 D . -9.17 -21.23 13.06
O4 SO4 D . -11.29 -21.91 13.93
N1 EPE E . -0.46 0.31 1.65
C2 EPE E . -1.50 -0.70 1.89
C3 EPE E . -2.65 -0.42 0.95
N4 EPE E . -3.08 0.97 0.95
C5 EPE E . -2.15 2.04 1.31
C6 EPE E . -0.93 1.62 2.11
C7 EPE E . -4.07 1.35 -0.04
C8 EPE E . -5.37 0.55 0.01
O8 EPE E . -6.12 0.83 -1.14
C9 EPE E . 0.83 -0.17 2.18
C10 EPE E . 1.44 0.66 3.31
S EPE E . 3.20 0.17 3.49
O1S EPE E . 3.79 0.87 4.63
O2S EPE E . 3.25 -1.27 3.67
O3S EPE E . 3.92 0.51 2.26
H21 EPE E . -1.85 -0.63 2.93
H22 EPE E . -1.11 -1.70 1.73
H31 EPE E . -3.50 -1.06 1.21
H32 EPE E . -2.34 -0.69 -0.07
H51 EPE E . -2.70 2.79 1.89
H52 EPE E . -1.83 2.52 0.40
H61 EPE E . -1.18 1.56 3.17
H62 EPE E . -0.14 2.35 1.98
H71 EPE E . -4.30 2.40 0.09
H72 EPE E . -3.62 1.23 -1.03
H81 EPE E . -5.93 0.82 0.91
H82 EPE E . -5.15 -0.52 0.07
HO8 EPE E . -5.63 1.46 -1.69
H91 EPE E . 1.55 -0.20 1.36
H92 EPE E . 0.70 -1.19 2.53
H101 EPE E . 0.90 0.48 4.24
H102 EPE E . 1.37 1.73 3.07
C4 EJK F . -2.29 8.60 6.59
C5 EJK F . -3.03 7.66 5.65
C6 EJK F . -3.70 8.45 4.54
C3 EJK F . -1.67 7.77 7.68
C1 EJK F . -1.49 5.91 6.09
C2 EJK F . -0.71 6.79 7.06
CAA EJK F . -3.40 4.43 6.22
CAB EJK F . -3.42 4.08 4.88
CAC EJK F . -4.38 3.17 4.43
CAD EJK F . -5.42 2.73 5.26
CAE EJK F . -5.30 3.02 6.62
CAF EJK F . -4.32 3.88 7.09
CAG EJK F . -6.37 1.76 4.89
CAH EJK F . -6.19 0.93 3.78
CAI EJK F . -7.18 0.02 3.42
CAJ EJK F . -8.41 0.03 4.06
CAK EJK F . -8.65 0.93 5.08
CAL EJK F . -7.65 1.81 5.48
CBE EJK F . -9.45 -0.87 3.66
FAH EJK F . -5.01 0.82 3.16
FAI EJK F . -6.95 -0.85 2.43
FAK EJK F . -9.85 0.96 5.71
FAL EJK F . -7.97 2.66 6.49
NBF EJK F . -10.28 -1.59 3.35
O1 EJK F . -2.51 5.25 6.83
O2 EJK F . 0.33 7.47 6.35
O3 EJK F . -0.97 8.62 8.60
O4 EJK F . -3.24 9.50 7.17
O5 EJK F . -2.12 6.70 5.06
O6 EJK F . -2.61 9.07 3.86
CL1 EJK F . -4.26 4.33 8.74
H41 EJK F . -1.52 9.16 6.04
H5 EJK F . -3.79 7.13 6.21
H61 EJK F . -4.11 7.87 3.75
H62 EJK F . -4.24 9.30 4.84
H31 EJK F . -2.44 7.23 8.21
H1 EJK F . -0.82 5.17 5.65
H21 EJK F . -0.26 6.17 7.84
HAB EJK F . -2.68 4.48 4.19
HAC EJK F . -4.42 2.94 3.37
HAE EJK F . -6.03 2.62 7.32
H22 EJK F . 0.85 8.04 6.98
H32 EJK F . -0.56 8.07 9.32
H42 EJK F . -2.77 10.12 7.79
H63 EJK F . -2.97 9.62 3.09
#